data_4P4T
#
_entry.id   4P4T
#
_cell.length_a   47.020
_cell.length_b   77.590
_cell.length_c   212.330
_cell.angle_alpha   90.00
_cell.angle_beta   90.00
_cell.angle_gamma   90.00
#
_symmetry.space_group_name_H-M   'I 21 21 21'
#
loop_
_entity.id
_entity.type
_entity.pdbx_description
1 polymer 'Interferon-induced GTP-binding protein Mx1'
2 non-polymer "GUANOSINE-5'-DIPHOSPHATE"
3 non-polymer 'SULFATE ION'
4 water water
#
_entity_poly.entity_id   1
_entity_poly.type   'polypeptide(L)'
_entity_poly.pdbx_seq_one_letter_code
;AENNLSSQYEEKVRPCIDLIDSLRALGVEQDLALPAIAVIGDQSSGKSSVLEALSGVALPRGSGIVTRCPLVLKLKKLVN
EDKWRGKVSYQDYEIEISDASEVEKEINKAQNAIAGEGMGISHELITLEISSRDVPDLTLIDLPGITRVAVGNQPADIGY
KIKTLIKKYIQRQETISLVVVPSNVDIATTEALSMAQEVDPEGDRTIGILTKPDLVDKGTEDKVVDVVRNLVFHLKKGYM
IVKCRGQQEIQDQLSLSEALQREKIFFENHPYFRDLLEEGKATVPSLAEKLTSELITHISKSLPLLENQIKETHQRITEE
LQKYGVDIPEGSGSSDKRKFLKERLARLTQARRRLAQFPG
;
_entity_poly.pdbx_strand_id   A
#
loop_
_chem_comp.id
_chem_comp.type
_chem_comp.name
_chem_comp.formula
GDP RNA linking GUANOSINE-5'-DIPHOSPHATE 'C10 H15 N5 O11 P2'
SO4 non-polymer 'SULFATE ION' 'O4 S -2'
#
# COMPACT_ATOMS: atom_id res chain seq x y z
N GLN A 8 14.43 14.85 11.66
CA GLN A 8 14.38 13.82 12.74
C GLN A 8 12.95 13.27 12.92
N TYR A 9 12.88 11.99 13.29
CA TYR A 9 11.62 11.25 13.39
C TYR A 9 11.46 10.60 14.78
N GLU A 10 10.29 9.98 15.03
CA GLU A 10 10.11 9.20 16.25
C GLU A 10 10.89 7.89 16.16
N GLU A 11 12.05 7.85 16.80
CA GLU A 11 12.93 6.69 16.75
C GLU A 11 12.40 5.49 17.54
N LYS A 12 11.10 5.50 17.83
CA LYS A 12 10.44 4.39 18.49
C LYS A 12 9.56 3.61 17.50
N VAL A 13 9.36 4.21 16.33
CA VAL A 13 8.52 3.60 15.30
C VAL A 13 9.34 3.38 14.03
N ARG A 14 10.29 4.27 13.78
CA ARG A 14 11.09 4.22 12.56
C ARG A 14 11.97 2.98 12.38
N PRO A 15 12.69 2.53 13.42
CA PRO A 15 13.56 1.36 13.27
C PRO A 15 12.89 0.13 12.64
N CYS A 16 11.69 -0.23 13.13
CA CYS A 16 10.94 -1.36 12.57
C CYS A 16 10.56 -1.17 11.10
N ILE A 17 10.05 0.01 10.76
CA ILE A 17 9.60 0.32 9.40
C ILE A 17 10.78 0.38 8.44
N ASP A 18 11.84 1.09 8.86
CA ASP A 18 13.07 1.21 8.08
C ASP A 18 13.78 -0.13 7.86
N LEU A 19 13.76 -0.99 8.88
CA LEU A 19 14.33 -2.34 8.78
C LEU A 19 13.72 -3.10 7.60
N ILE A 20 12.39 -3.14 7.57
CA ILE A 20 11.67 -3.87 6.53
C ILE A 20 11.93 -3.26 5.16
N ASP A 21 11.86 -1.92 5.07
CA ASP A 21 12.21 -1.21 3.85
C ASP A 21 13.61 -1.55 3.34
N SER A 22 14.58 -1.66 4.25
CA SER A 22 15.95 -1.97 3.86
CA SER A 22 15.96 -1.98 3.88
C SER A 22 16.07 -3.40 3.34
N LEU A 23 15.34 -4.34 3.94
CA LEU A 23 15.35 -5.72 3.48
C LEU A 23 14.71 -5.84 2.09
N ARG A 24 13.59 -5.14 1.89
CA ARG A 24 12.92 -5.10 0.59
C ARG A 24 13.84 -4.55 -0.49
N ALA A 25 14.51 -3.44 -0.18
CA ALA A 25 15.44 -2.81 -1.11
C ALA A 25 16.69 -3.64 -1.43
N LEU A 26 16.87 -4.76 -0.70
CA LEU A 26 17.98 -5.68 -0.97
C LEU A 26 17.64 -6.66 -2.07
N GLY A 27 16.36 -6.74 -2.41
CA GLY A 27 15.87 -7.67 -3.41
C GLY A 27 15.76 -9.08 -2.88
N VAL A 28 15.38 -9.22 -1.61
CA VAL A 28 15.30 -10.55 -0.97
C VAL A 28 13.89 -11.11 -0.92
N GLU A 29 12.90 -10.29 -1.28
CA GLU A 29 11.49 -10.70 -1.17
C GLU A 29 11.08 -11.89 -2.06
N GLN A 30 11.89 -12.24 -3.05
CA GLN A 30 11.67 -13.47 -3.83
C GLN A 30 11.73 -14.73 -2.96
N ASP A 31 12.64 -14.71 -1.98
CA ASP A 31 12.89 -15.88 -1.13
C ASP A 31 12.46 -15.67 0.33
N LEU A 32 12.09 -14.43 0.68
CA LEU A 32 11.82 -14.08 2.07
C LEU A 32 10.61 -13.17 2.19
N ALA A 33 9.52 -13.71 2.70
CA ALA A 33 8.32 -12.93 2.93
C ALA A 33 8.61 -11.86 3.98
N LEU A 34 8.24 -10.62 3.65
CA LEU A 34 8.48 -9.48 4.52
C LEU A 34 7.12 -8.86 4.85
N PRO A 35 6.96 -8.38 6.09
CA PRO A 35 5.69 -7.73 6.48
C PRO A 35 5.37 -6.63 5.49
N ALA A 36 4.12 -6.58 5.04
CA ALA A 36 3.71 -5.60 4.05
C ALA A 36 2.22 -5.32 4.07
N ILE A 37 1.88 -4.10 3.68
CA ILE A 37 0.49 -3.76 3.40
C ILE A 37 0.38 -3.49 1.90
N ALA A 38 -0.34 -4.37 1.22
CA ALA A 38 -0.58 -4.27 -0.20
C ALA A 38 -1.91 -3.58 -0.43
N VAL A 39 -1.89 -2.53 -1.25
CA VAL A 39 -3.12 -1.83 -1.59
C VAL A 39 -3.71 -2.35 -2.89
N ILE A 40 -4.92 -2.89 -2.79
CA ILE A 40 -5.60 -3.44 -3.96
C ILE A 40 -7.01 -2.89 -4.13
N GLY A 41 -7.45 -2.79 -5.37
CA GLY A 41 -8.79 -2.37 -5.68
C GLY A 41 -9.09 -2.57 -7.14
N ASP A 42 -10.37 -2.64 -7.47
CA ASP A 42 -10.80 -2.61 -8.86
C ASP A 42 -10.44 -1.27 -9.45
N GLN A 43 -10.18 -1.23 -10.75
CA GLN A 43 -9.94 0.02 -11.45
C GLN A 43 -11.06 1.03 -11.16
N SER A 44 -10.68 2.28 -10.89
CA SER A 44 -11.59 3.38 -10.53
C SER A 44 -12.33 3.19 -9.21
N SER A 45 -11.70 2.51 -8.26
CA SER A 45 -12.29 2.38 -6.94
C SER A 45 -11.88 3.54 -6.04
N GLY A 46 -10.97 4.39 -6.52
CA GLY A 46 -10.48 5.50 -5.74
C GLY A 46 -9.22 5.18 -4.95
N LYS A 47 -8.45 4.20 -5.43
CA LYS A 47 -7.25 3.74 -4.75
C LYS A 47 -6.14 4.78 -4.71
N SER A 48 -5.80 5.34 -5.86
CA SER A 48 -4.76 6.37 -5.92
C SER A 48 -5.19 7.68 -5.22
N SER A 49 -6.50 7.93 -5.21
CA SER A 49 -7.06 9.05 -4.43
C SER A 49 -6.73 8.91 -2.94
N VAL A 50 -6.92 7.70 -2.41
CA VAL A 50 -6.60 7.42 -1.00
C VAL A 50 -5.11 7.65 -0.73
N LEU A 51 -4.27 7.19 -1.66
CA LEU A 51 -2.83 7.41 -1.57
C LEU A 51 -2.44 8.89 -1.65
N GLU A 52 -3.10 9.62 -2.55
CA GLU A 52 -2.93 11.07 -2.65
C GLU A 52 -3.24 11.73 -1.31
N ALA A 53 -4.34 11.32 -0.68
CA ALA A 53 -4.76 11.90 0.58
C ALA A 53 -3.80 11.56 1.71
N LEU A 54 -3.35 10.30 1.75
CA LEU A 54 -2.43 9.85 2.79
C LEU A 54 -1.06 10.50 2.67
N SER A 55 -0.58 10.63 1.43
CA SER A 55 0.75 11.17 1.18
C SER A 55 0.73 12.70 1.12
N GLY A 56 -0.45 13.28 0.92
CA GLY A 56 -0.58 14.72 0.77
C GLY A 56 -0.14 15.27 -0.58
N VAL A 57 0.19 14.39 -1.53
CA VAL A 57 0.68 14.83 -2.85
C VAL A 57 -0.13 14.22 -4.01
N ALA A 58 -0.20 14.95 -5.12
CA ALA A 58 -0.86 14.48 -6.34
C ALA A 58 -0.05 13.40 -7.04
N LEU A 59 -0.76 12.39 -7.54
CA LEU A 59 -0.16 11.25 -8.25
C LEU A 59 -0.69 11.23 -9.69
N PRO A 60 0.03 10.58 -10.63
CA PRO A 60 -0.35 10.64 -12.04
C PRO A 60 -1.69 9.96 -12.36
N ARG A 61 -2.33 10.44 -13.43
CA ARG A 61 -3.60 9.89 -13.94
C ARG A 61 -3.56 8.36 -14.06
N ARG A 68 1.70 -0.41 -15.83
CA ARG A 68 1.57 -0.32 -14.38
C ARG A 68 2.50 -1.30 -13.68
N CYS A 69 2.91 -0.96 -12.47
CA CYS A 69 3.84 -1.77 -11.68
C CYS A 69 3.71 -1.42 -10.19
N PRO A 70 4.28 -2.22 -9.29
CA PRO A 70 4.14 -1.90 -7.87
C PRO A 70 4.72 -0.52 -7.52
N LEU A 71 4.04 0.21 -6.65
CA LEU A 71 4.58 1.46 -6.14
C LEU A 71 4.74 1.34 -4.64
N VAL A 72 5.99 1.45 -4.18
CA VAL A 72 6.30 1.45 -2.76
C VAL A 72 6.26 2.89 -2.26
N LEU A 73 5.28 3.16 -1.41
CA LEU A 73 5.11 4.48 -0.86
C LEU A 73 5.67 4.52 0.56
N LYS A 74 6.75 5.29 0.75
CA LYS A 74 7.37 5.43 2.07
C LYS A 74 7.08 6.80 2.68
N LEU A 75 6.18 6.83 3.65
CA LEU A 75 5.80 8.08 4.30
C LEU A 75 6.48 8.22 5.66
N LYS A 76 7.12 9.37 5.88
CA LYS A 76 7.88 9.59 7.11
C LYS A 76 7.46 10.88 7.77
N LYS A 77 6.85 10.78 8.96
CA LYS A 77 6.34 11.95 9.68
C LYS A 77 7.46 12.74 10.34
N LEU A 78 7.65 13.97 9.88
CA LEU A 78 8.60 14.88 10.50
C LEU A 78 8.07 15.36 11.85
N VAL A 79 8.83 15.05 12.89
CA VAL A 79 8.59 15.60 14.22
C VAL A 79 9.43 16.88 14.32
N ASN A 80 10.53 16.90 13.57
CA ASN A 80 11.55 17.94 13.67
C ASN A 80 11.24 19.24 12.90
N GLU A 81 12.23 19.74 12.16
CA GLU A 81 12.24 21.10 11.60
C GLU A 81 11.15 21.40 10.58
N ASP A 82 10.51 20.35 10.08
CA ASP A 82 9.31 20.47 9.23
C ASP A 82 9.61 21.05 7.85
N LYS A 83 10.63 20.49 7.19
CA LYS A 83 10.95 20.82 5.80
C LYS A 83 10.52 19.67 4.89
N TRP A 84 9.53 19.92 4.02
CA TRP A 84 9.06 18.90 3.08
C TRP A 84 10.18 18.38 2.19
N ARG A 85 10.42 17.07 2.21
CA ARG A 85 11.40 16.40 1.35
C ARG A 85 10.77 15.24 0.60
N GLY A 86 11.22 15.03 -0.64
CA GLY A 86 10.74 13.92 -1.46
C GLY A 86 11.84 13.22 -2.23
N LYS A 87 11.62 11.95 -2.55
CA LYS A 87 12.60 11.14 -3.28
C LYS A 87 11.92 10.03 -4.08
N VAL A 88 12.35 9.83 -5.32
CA VAL A 88 11.89 8.73 -6.17
C VAL A 88 13.06 7.86 -6.62
N SER A 89 12.94 6.55 -6.44
CA SER A 89 13.96 5.60 -6.83
C SER A 89 13.34 4.50 -7.68
N TYR A 90 14.05 4.16 -8.74
CA TYR A 90 13.68 3.08 -9.65
C TYR A 90 14.94 2.74 -10.44
N GLN A 91 15.22 1.45 -10.55
CA GLN A 91 16.44 0.97 -11.21
C GLN A 91 17.66 1.68 -10.61
N ASP A 92 18.48 2.28 -11.47
CA ASP A 92 19.69 2.97 -11.02
C ASP A 92 19.43 4.44 -10.68
N TYR A 93 18.26 4.95 -11.05
CA TYR A 93 17.88 6.31 -10.74
C TYR A 93 17.49 6.48 -9.28
N GLU A 94 17.90 7.61 -8.72
CA GLU A 94 17.44 8.12 -7.44
C GLU A 94 17.40 9.63 -7.60
N ILE A 95 16.21 10.22 -7.51
CA ILE A 95 16.04 11.64 -7.79
C ILE A 95 15.36 12.39 -6.63
N GLU A 96 16.05 13.40 -6.12
CA GLU A 96 15.54 14.22 -5.02
C GLU A 96 14.49 15.22 -5.53
N ILE A 97 13.28 15.13 -4.97
CA ILE A 97 12.17 16.04 -5.34
C ILE A 97 12.22 17.29 -4.46
N SER A 98 11.92 18.43 -5.08
CA SER A 98 11.99 19.73 -4.41
C SER A 98 10.65 20.16 -3.82
N ASP A 99 9.62 20.21 -4.66
CA ASP A 99 8.29 20.62 -4.25
CA ASP A 99 8.29 20.62 -4.25
C ASP A 99 7.33 19.43 -4.21
N ALA A 100 6.25 19.56 -3.46
CA ALA A 100 5.21 18.53 -3.37
C ALA A 100 4.44 18.34 -4.69
N SER A 101 4.26 19.44 -5.43
CA SER A 101 3.57 19.39 -6.72
C SER A 101 4.52 19.01 -7.87
N GLU A 102 5.78 18.76 -7.53
CA GLU A 102 6.75 18.23 -8.48
C GLU A 102 6.68 16.72 -8.60
N VAL A 103 6.01 16.08 -7.62
CA VAL A 103 5.96 14.62 -7.47
C VAL A 103 5.29 13.89 -8.64
N GLU A 104 4.09 14.33 -9.01
CA GLU A 104 3.35 13.74 -10.12
C GLU A 104 4.24 13.59 -11.36
N LYS A 105 4.97 14.66 -11.67
CA LYS A 105 5.89 14.71 -12.79
C LYS A 105 6.98 13.64 -12.68
N GLU A 106 7.52 13.45 -11.48
CA GLU A 106 8.63 12.54 -11.28
C GLU A 106 8.21 11.07 -11.36
N ILE A 107 6.98 10.76 -10.95
CA ILE A 107 6.47 9.40 -11.08
C ILE A 107 6.08 9.11 -12.53
N ASN A 108 5.48 10.09 -13.20
CA ASN A 108 5.24 9.98 -14.62
C ASN A 108 6.50 9.51 -15.35
N LYS A 109 7.63 10.13 -15.00
CA LYS A 109 8.94 9.77 -15.55
C LYS A 109 9.36 8.37 -15.12
N ALA A 110 9.13 8.06 -13.85
CA ALA A 110 9.42 6.74 -13.33
C ALA A 110 8.67 5.70 -14.14
N GLN A 111 7.35 5.85 -14.21
CA GLN A 111 6.47 4.95 -14.98
C GLN A 111 6.83 4.85 -16.47
N ASN A 112 7.56 5.84 -16.98
CA ASN A 112 8.07 5.78 -18.35
C ASN A 112 9.28 4.86 -18.49
N ALA A 113 10.30 5.10 -17.68
CA ALA A 113 11.52 4.29 -17.73
C ALA A 113 11.24 2.84 -17.35
N ILE A 114 10.30 2.64 -16.42
CA ILE A 114 10.01 1.31 -15.88
C ILE A 114 9.17 0.42 -16.82
N ALA A 115 8.46 1.03 -17.76
CA ALA A 115 7.60 0.30 -18.68
C ALA A 115 7.99 0.50 -20.16
N GLY A 116 8.62 -0.52 -20.74
CA GLY A 116 9.06 -0.49 -22.14
C GLY A 116 7.95 -0.74 -23.13
N GLU A 117 7.33 -1.92 -23.03
CA GLU A 117 6.22 -2.31 -23.91
C GLU A 117 5.04 -2.83 -23.10
N GLY A 120 2.85 -5.20 -21.01
CA GLY A 120 1.94 -5.45 -19.90
C GLY A 120 2.40 -4.86 -18.57
N ILE A 121 2.24 -5.63 -17.50
CA ILE A 121 2.60 -5.17 -16.16
C ILE A 121 4.05 -5.52 -15.82
N SER A 122 4.73 -4.58 -15.14
CA SER A 122 6.10 -4.79 -14.71
C SER A 122 6.16 -5.11 -13.22
N HIS A 123 7.08 -5.98 -12.84
CA HIS A 123 7.27 -6.35 -11.44
C HIS A 123 8.34 -5.51 -10.74
N GLU A 124 8.97 -4.62 -11.50
CA GLU A 124 10.00 -3.74 -10.97
C GLU A 124 9.35 -2.69 -10.07
N LEU A 125 10.07 -2.32 -9.01
CA LEU A 125 9.54 -1.40 -7.98
C LEU A 125 9.90 0.05 -8.24
N ILE A 126 8.93 0.93 -8.08
CA ILE A 126 9.20 2.36 -7.98
C ILE A 126 8.95 2.75 -6.54
N THR A 127 9.93 3.41 -5.93
CA THR A 127 9.84 3.76 -4.53
C THR A 127 9.71 5.27 -4.37
N LEU A 128 8.59 5.69 -3.76
CA LEU A 128 8.39 7.09 -3.46
C LEU A 128 8.52 7.34 -1.96
N GLU A 129 9.51 8.15 -1.59
CA GLU A 129 9.77 8.51 -0.20
C GLU A 129 9.39 9.97 0.04
N ILE A 130 8.52 10.20 1.03
CA ILE A 130 8.07 11.56 1.37
C ILE A 130 8.24 11.82 2.86
N SER A 131 9.01 12.85 3.18
CA SER A 131 9.16 13.36 4.56
C SER A 131 8.41 14.67 4.73
N SER A 132 7.34 14.63 5.51
CA SER A 132 6.47 15.78 5.70
C SER A 132 5.83 15.79 7.10
N ARG A 133 5.45 16.98 7.56
CA ARG A 133 4.68 17.14 8.80
C ARG A 133 3.34 16.43 8.73
N ASP A 134 2.79 16.32 7.53
CA ASP A 134 1.40 15.92 7.34
C ASP A 134 1.20 14.44 6.95
N VAL A 135 2.29 13.68 6.90
CA VAL A 135 2.22 12.27 6.51
C VAL A 135 2.40 11.34 7.70
N PRO A 136 1.72 10.18 7.70
CA PRO A 136 1.97 9.18 8.74
C PRO A 136 3.34 8.52 8.59
N ASP A 137 3.77 7.81 9.62
CA ASP A 137 4.87 6.86 9.50
C ASP A 137 4.27 5.58 8.96
N LEU A 138 4.42 5.37 7.65
CA LEU A 138 3.73 4.29 6.96
C LEU A 138 4.41 3.91 5.63
N THR A 139 4.50 2.61 5.39
CA THR A 139 4.90 2.08 4.07
C THR A 139 3.76 1.27 3.49
N LEU A 140 3.49 1.46 2.21
CA LEU A 140 2.43 0.75 1.53
C LEU A 140 2.94 0.32 0.18
N ILE A 141 2.49 -0.86 -0.24
CA ILE A 141 2.74 -1.31 -1.61
C ILE A 141 1.43 -1.23 -2.37
N ASP A 142 1.39 -0.28 -3.29
CA ASP A 142 0.24 -0.10 -4.15
C ASP A 142 0.39 -0.98 -5.39
N LEU A 143 -0.69 -1.66 -5.73
CA LEU A 143 -0.70 -2.62 -6.83
C LEU A 143 -1.73 -2.21 -7.88
N PRO A 144 -1.41 -2.37 -9.18
CA PRO A 144 -2.30 -1.89 -10.23
C PRO A 144 -3.74 -2.41 -10.11
N GLY A 145 -4.70 -1.55 -10.47
CA GLY A 145 -6.13 -1.84 -10.36
C GLY A 145 -6.55 -3.06 -11.15
N ILE A 146 -7.51 -3.82 -10.61
CA ILE A 146 -8.01 -5.02 -11.26
C ILE A 146 -9.04 -4.66 -12.35
N THR A 147 -8.88 -5.27 -13.53
CA THR A 147 -9.87 -5.24 -14.59
C THR A 147 -10.34 -6.65 -14.93
N ARG A 148 -11.56 -6.76 -15.42
CA ARG A 148 -12.14 -8.05 -15.80
C ARG A 148 -12.33 -8.14 -17.29
N VAL A 149 -12.60 -7.02 -17.94
CA VAL A 149 -12.75 -6.94 -19.39
C VAL A 149 -11.55 -6.19 -19.96
N ALA A 150 -10.97 -6.71 -21.03
CA ALA A 150 -9.88 -6.02 -21.72
C ALA A 150 -10.44 -5.00 -22.70
N VAL A 151 -10.11 -3.72 -22.48
CA VAL A 151 -10.51 -2.63 -23.37
C VAL A 151 -9.30 -2.04 -24.12
N GLY A 152 -9.56 -1.27 -25.18
CA GLY A 152 -8.50 -0.53 -25.88
C GLY A 152 -7.40 -1.41 -26.43
N ASN A 153 -6.21 -0.81 -26.61
CA ASN A 153 -5.08 -1.50 -27.25
C ASN A 153 -4.20 -2.34 -26.32
N GLN A 154 -4.65 -2.56 -25.08
CA GLN A 154 -3.91 -3.37 -24.13
C GLN A 154 -4.08 -4.87 -24.42
N PRO A 155 -3.12 -5.71 -23.99
CA PRO A 155 -3.22 -7.15 -24.26
C PRO A 155 -4.44 -7.81 -23.61
N ALA A 156 -4.87 -8.93 -24.18
CA ALA A 156 -6.07 -9.65 -23.74
C ALA A 156 -5.89 -10.33 -22.38
N ASP A 157 -4.64 -10.63 -22.01
CA ASP A 157 -4.33 -11.29 -20.75
C ASP A 157 -3.89 -10.34 -19.64
N ILE A 158 -4.20 -9.05 -19.81
CA ILE A 158 -3.74 -8.02 -18.88
C ILE A 158 -4.34 -8.20 -17.48
N GLY A 159 -5.61 -8.59 -17.43
CA GLY A 159 -6.31 -8.89 -16.19
C GLY A 159 -5.61 -10.01 -15.44
N TYR A 160 -5.39 -11.11 -16.15
CA TYR A 160 -4.65 -12.24 -15.60
C TYR A 160 -3.30 -11.85 -15.01
N LYS A 161 -2.54 -11.04 -15.74
CA LYS A 161 -1.21 -10.59 -15.31
C LYS A 161 -1.26 -9.69 -14.07
N ILE A 162 -2.24 -8.79 -14.03
CA ILE A 162 -2.47 -7.98 -12.85
C ILE A 162 -2.72 -8.89 -11.66
N LYS A 163 -3.59 -9.89 -11.84
CA LYS A 163 -3.93 -10.83 -10.77
C LYS A 163 -2.72 -11.61 -10.26
N THR A 164 -1.83 -11.98 -11.17
CA THR A 164 -0.63 -12.73 -10.83
C THR A 164 0.30 -11.87 -9.98
N LEU A 165 0.44 -10.61 -10.34
CA LEU A 165 1.24 -9.68 -9.57
C LEU A 165 0.67 -9.48 -8.17
N ILE A 166 -0.65 -9.33 -8.09
CA ILE A 166 -1.35 -9.17 -6.80
C ILE A 166 -1.19 -10.41 -5.91
N LYS A 167 -1.34 -11.59 -6.51
CA LYS A 167 -1.25 -12.85 -5.77
C LYS A 167 0.14 -13.05 -5.16
N LYS A 168 1.16 -12.64 -5.91
CA LYS A 168 2.54 -12.66 -5.47
C LYS A 168 2.68 -12.05 -4.07
N TYR A 169 1.96 -10.96 -3.81
CA TYR A 169 2.01 -10.31 -2.51
C TYR A 169 1.00 -10.89 -1.52
N ILE A 170 -0.24 -11.00 -1.95
CA ILE A 170 -1.32 -11.23 -1.00
C ILE A 170 -1.46 -12.68 -0.53
N GLN A 171 -0.90 -13.63 -1.27
CA GLN A 171 -0.86 -15.03 -0.84
C GLN A 171 0.02 -15.24 0.38
N ARG A 172 0.96 -14.34 0.59
CA ARG A 172 1.88 -14.44 1.73
C ARG A 172 1.19 -14.05 3.02
N GLN A 173 1.38 -14.89 4.04
CA GLN A 173 0.85 -14.63 5.38
C GLN A 173 1.31 -13.29 5.95
N GLU A 174 2.45 -12.81 5.44
CA GLU A 174 3.10 -11.59 5.93
C GLU A 174 2.52 -10.32 5.30
N THR A 175 1.52 -10.50 4.44
CA THR A 175 0.86 -9.41 3.76
C THR A 175 -0.51 -9.15 4.34
N ILE A 176 -0.77 -7.90 4.70
CA ILE A 176 -2.12 -7.44 5.00
C ILE A 176 -2.69 -6.88 3.69
N SER A 177 -3.86 -7.37 3.28
CA SER A 177 -4.52 -6.77 2.10
C SER A 177 -5.33 -5.52 2.47
N LEU A 178 -4.97 -4.40 1.86
CA LEU A 178 -5.76 -3.18 2.03
C LEU A 178 -6.68 -3.03 0.82
N VAL A 179 -7.95 -3.39 1.00
CA VAL A 179 -8.92 -3.43 -0.09
C VAL A 179 -9.72 -2.13 -0.20
N VAL A 180 -9.62 -1.47 -1.35
CA VAL A 180 -10.35 -0.23 -1.60
C VAL A 180 -11.63 -0.51 -2.39
N VAL A 181 -12.76 -0.17 -1.77
CA VAL A 181 -14.10 -0.44 -2.31
C VAL A 181 -14.95 0.84 -2.29
N PRO A 182 -15.55 1.22 -3.44
CA PRO A 182 -16.47 2.34 -3.42
C PRO A 182 -17.80 2.01 -2.71
N SER A 183 -18.33 3.00 -2.02
CA SER A 183 -19.57 2.86 -1.26
C SER A 183 -20.76 2.67 -2.19
N ASN A 184 -20.62 3.15 -3.43
CA ASN A 184 -21.70 3.07 -4.39
C ASN A 184 -21.75 1.76 -5.20
N VAL A 185 -20.96 0.77 -4.80
CA VAL A 185 -21.09 -0.58 -5.37
C VAL A 185 -21.35 -1.61 -4.27
N ASP A 186 -22.09 -2.66 -4.60
CA ASP A 186 -22.37 -3.76 -3.70
C ASP A 186 -21.06 -4.44 -3.31
N ILE A 187 -20.82 -4.54 -2.00
CA ILE A 187 -19.61 -5.16 -1.45
C ILE A 187 -19.34 -6.58 -2.01
N ALA A 188 -20.40 -7.35 -2.24
CA ALA A 188 -20.28 -8.73 -2.69
C ALA A 188 -19.80 -8.87 -4.12
N THR A 189 -19.75 -7.76 -4.87
CA THR A 189 -19.37 -7.80 -6.28
C THR A 189 -17.93 -7.34 -6.57
N THR A 190 -17.19 -7.02 -5.50
CA THR A 190 -15.81 -6.55 -5.61
C THR A 190 -14.84 -7.68 -5.89
N GLU A 191 -14.11 -7.56 -6.99
CA GLU A 191 -13.07 -8.52 -7.32
C GLU A 191 -11.86 -8.41 -6.37
N ALA A 192 -11.52 -7.20 -5.96
CA ALA A 192 -10.42 -7.01 -5.01
C ALA A 192 -10.68 -7.74 -3.68
N LEU A 193 -11.87 -7.54 -3.13
CA LEU A 193 -12.30 -8.23 -1.91
C LEU A 193 -12.40 -9.74 -2.10
N SER A 194 -12.86 -10.17 -3.28
CA SER A 194 -12.93 -11.57 -3.67
C SER A 194 -11.56 -12.25 -3.59
N MET A 195 -10.54 -11.55 -4.05
CA MET A 195 -9.18 -12.08 -4.03
C MET A 195 -8.67 -12.17 -2.59
N ALA A 196 -8.99 -11.16 -1.80
CA ALA A 196 -8.66 -11.15 -0.37
C ALA A 196 -9.29 -12.32 0.37
N GLN A 197 -10.56 -12.60 0.09
CA GLN A 197 -11.28 -13.71 0.74
C GLN A 197 -10.67 -15.04 0.35
N GLU A 198 -10.18 -15.12 -0.88
CA GLU A 198 -9.54 -16.32 -1.42
C GLU A 198 -8.32 -16.69 -0.55
N VAL A 199 -7.35 -15.78 -0.43
CA VAL A 199 -6.15 -16.02 0.35
C VAL A 199 -6.32 -15.85 1.88
N ASP A 200 -7.42 -15.23 2.30
CA ASP A 200 -7.65 -14.98 3.73
C ASP A 200 -9.12 -15.25 4.07
N PRO A 201 -9.54 -16.53 4.01
CA PRO A 201 -10.95 -16.91 4.22
C PRO A 201 -11.50 -16.45 5.58
N GLU A 202 -10.69 -16.56 6.63
CA GLU A 202 -11.09 -16.08 7.95
C GLU A 202 -11.25 -14.56 8.06
N GLY A 203 -10.67 -13.82 7.11
CA GLY A 203 -10.71 -12.35 7.13
C GLY A 203 -9.91 -11.76 8.28
N ASP A 204 -8.73 -12.34 8.55
CA ASP A 204 -7.84 -11.95 9.64
C ASP A 204 -6.70 -11.00 9.26
N ARG A 205 -6.47 -10.80 7.96
CA ARG A 205 -5.41 -9.89 7.50
C ARG A 205 -5.84 -9.08 6.27
N THR A 206 -7.02 -8.47 6.39
CA THR A 206 -7.64 -7.68 5.35
C THR A 206 -8.29 -6.45 6.00
N ILE A 207 -8.04 -5.28 5.42
CA ILE A 207 -8.70 -4.07 5.88
C ILE A 207 -9.46 -3.45 4.70
N GLY A 208 -10.70 -3.04 4.96
CA GLY A 208 -11.55 -2.43 3.94
C GLY A 208 -11.58 -0.92 4.05
N ILE A 209 -11.36 -0.23 2.92
CA ILE A 209 -11.50 1.22 2.85
C ILE A 209 -12.63 1.49 1.88
N LEU A 210 -13.69 2.13 2.36
CA LEU A 210 -14.77 2.53 1.49
C LEU A 210 -14.58 3.97 1.04
N THR A 211 -14.83 4.21 -0.23
CA THR A 211 -14.64 5.53 -0.81
C THR A 211 -15.95 6.02 -1.39
N LYS A 212 -15.94 7.24 -1.92
CA LYS A 212 -17.10 7.81 -2.61
C LYS A 212 -18.40 7.77 -1.80
N PRO A 213 -18.33 8.09 -0.49
CA PRO A 213 -19.53 8.05 0.34
C PRO A 213 -20.53 9.14 -0.06
N ASP A 214 -20.06 10.18 -0.72
CA ASP A 214 -20.92 11.25 -1.23
C ASP A 214 -21.77 10.80 -2.43
N LEU A 215 -21.39 9.69 -3.07
CA LEU A 215 -22.08 9.25 -4.29
C LEU A 215 -23.11 8.16 -4.03
N VAL A 216 -23.31 7.82 -2.77
CA VAL A 216 -24.25 6.78 -2.38
C VAL A 216 -25.69 7.23 -2.66
N ASP A 217 -26.49 6.33 -3.23
CA ASP A 217 -27.89 6.60 -3.54
C ASP A 217 -28.67 6.86 -2.25
N LYS A 218 -29.48 7.93 -2.26
CA LYS A 218 -30.29 8.30 -1.10
C LYS A 218 -31.28 7.19 -0.74
N GLY A 219 -31.32 6.83 0.54
CA GLY A 219 -32.13 5.70 1.01
C GLY A 219 -31.32 4.42 1.09
N THR A 220 -30.04 4.54 0.78
CA THR A 220 -29.13 3.39 0.69
C THR A 220 -27.98 3.50 1.68
N GLU A 221 -27.84 4.66 2.32
CA GLU A 221 -26.74 4.93 3.25
C GLU A 221 -26.64 3.94 4.42
N ASP A 222 -27.79 3.43 4.87
CA ASP A 222 -27.81 2.45 5.95
C ASP A 222 -27.06 1.15 5.61
N LYS A 223 -27.11 0.73 4.34
CA LYS A 223 -26.32 -0.42 3.88
C LYS A 223 -24.82 -0.18 4.07
N VAL A 224 -24.39 1.03 3.76
CA VAL A 224 -22.98 1.41 3.88
C VAL A 224 -22.54 1.33 5.34
N VAL A 225 -23.36 1.89 6.23
CA VAL A 225 -23.10 1.89 7.66
C VAL A 225 -22.93 0.47 8.14
N ASP A 226 -23.84 -0.42 7.72
CA ASP A 226 -23.77 -1.84 8.02
C ASP A 226 -22.42 -2.48 7.65
N VAL A 227 -21.91 -2.11 6.49
CA VAL A 227 -20.61 -2.60 6.04
C VAL A 227 -19.49 -2.10 6.95
N VAL A 228 -19.44 -0.79 7.16
CA VAL A 228 -18.36 -0.19 7.96
C VAL A 228 -18.37 -0.69 9.40
N ARG A 229 -19.56 -0.95 9.94
CA ARG A 229 -19.71 -1.53 11.28
C ARG A 229 -19.41 -3.04 11.36
N ASN A 230 -18.91 -3.59 10.25
CA ASN A 230 -18.42 -4.98 10.19
C ASN A 230 -19.55 -6.02 10.30
N LEU A 231 -20.71 -5.69 9.74
CA LEU A 231 -21.91 -6.52 9.89
C LEU A 231 -22.33 -7.28 8.63
N VAL A 232 -21.73 -6.98 7.48
CA VAL A 232 -22.07 -7.71 6.25
C VAL A 232 -20.95 -8.69 5.88
N PHE A 233 -19.76 -8.18 5.56
CA PHE A 233 -18.61 -9.07 5.40
C PHE A 233 -17.56 -8.78 6.49
N HIS A 234 -17.40 -9.73 7.40
CA HIS A 234 -16.59 -9.53 8.61
C HIS A 234 -15.08 -9.58 8.43
N LEU A 235 -14.43 -8.52 8.89
CA LEU A 235 -12.97 -8.46 8.87
C LEU A 235 -12.47 -8.16 10.27
N LYS A 236 -11.62 -9.05 10.78
CA LYS A 236 -10.98 -8.87 12.06
C LYS A 236 -10.52 -7.41 12.25
N LYS A 237 -9.77 -6.92 11.28
CA LYS A 237 -9.17 -5.60 11.38
C LYS A 237 -10.10 -4.46 10.98
N GLY A 238 -11.31 -4.80 10.57
CA GLY A 238 -12.35 -3.80 10.35
C GLY A 238 -12.26 -2.96 9.08
N TYR A 239 -13.07 -1.89 9.06
CA TYR A 239 -13.27 -1.04 7.90
C TYR A 239 -13.07 0.41 8.27
N MET A 240 -12.76 1.23 7.25
CA MET A 240 -12.74 2.68 7.40
C MET A 240 -13.47 3.26 6.19
N ILE A 241 -14.06 4.44 6.35
CA ILE A 241 -14.71 5.13 5.25
C ILE A 241 -14.09 6.51 5.05
N VAL A 242 -13.85 6.88 3.80
CA VAL A 242 -13.17 8.13 3.49
C VAL A 242 -13.85 8.85 2.33
N LYS A 243 -13.64 10.17 2.26
CA LYS A 243 -14.10 10.97 1.13
C LYS A 243 -12.90 11.71 0.55
N CYS A 244 -12.58 11.40 -0.71
CA CYS A 244 -11.46 12.01 -1.39
C CYS A 244 -11.98 12.92 -2.48
N ARG A 245 -11.09 13.59 -3.18
CA ARG A 245 -11.48 14.51 -4.23
C ARG A 245 -12.32 13.81 -5.30
N GLY A 246 -13.45 14.42 -5.64
CA GLY A 246 -14.24 14.03 -6.79
C GLY A 246 -13.59 14.57 -8.05
N GLN A 247 -14.07 14.14 -9.22
CA GLN A 247 -13.41 14.50 -10.48
C GLN A 247 -13.42 16.01 -10.76
N GLN A 248 -14.52 16.67 -10.39
CA GLN A 248 -14.63 18.11 -10.57
C GLN A 248 -13.60 18.86 -9.73
N GLU A 249 -13.39 18.41 -8.49
CA GLU A 249 -12.40 18.96 -7.58
C GLU A 249 -10.97 18.76 -8.07
N ILE A 250 -10.68 17.57 -8.62
CA ILE A 250 -9.43 17.32 -9.32
C ILE A 250 -9.30 18.25 -10.53
N GLN A 251 -10.38 18.37 -11.30
CA GLN A 251 -10.43 19.27 -12.45
C GLN A 251 -10.16 20.74 -12.08
N ASP A 252 -10.55 21.12 -10.86
CA ASP A 252 -10.30 22.46 -10.35
C ASP A 252 -9.00 22.57 -9.57
N GLN A 253 -8.24 21.48 -9.54
CA GLN A 253 -6.95 21.43 -8.84
C GLN A 253 -7.07 21.85 -7.37
N LEU A 254 -8.13 21.37 -6.72
CA LEU A 254 -8.32 21.58 -5.30
C LEU A 254 -7.16 20.99 -4.51
N SER A 255 -6.60 21.80 -3.61
CA SER A 255 -5.50 21.40 -2.74
C SER A 255 -5.90 20.25 -1.82
N LEU A 256 -4.94 19.39 -1.52
CA LEU A 256 -5.19 18.21 -0.69
C LEU A 256 -5.46 18.56 0.78
N SER A 257 -4.91 19.70 1.22
CA SER A 257 -5.19 20.27 2.54
C SER A 257 -6.65 20.67 2.69
N GLU A 258 -7.21 21.29 1.65
CA GLU A 258 -8.62 21.70 1.65
C GLU A 258 -9.53 20.47 1.54
N ALA A 259 -9.08 19.46 0.81
CA ALA A 259 -9.81 18.19 0.68
C ALA A 259 -10.02 17.52 2.05
N LEU A 260 -8.99 17.52 2.89
CA LEU A 260 -9.12 17.08 4.30
C LEU A 260 -10.17 17.91 5.06
N GLN A 261 -10.07 19.23 4.93
CA GLN A 261 -11.02 20.11 5.60
C GLN A 261 -12.45 19.78 5.17
N ARG A 262 -12.65 19.62 3.87
CA ARG A 262 -13.95 19.27 3.31
C ARG A 262 -14.44 17.90 3.77
N GLU A 263 -13.54 16.93 3.86
CA GLU A 263 -13.90 15.59 4.31
C GLU A 263 -14.43 15.67 5.73
N LYS A 264 -13.71 16.38 6.59
CA LYS A 264 -14.08 16.59 7.98
C LYS A 264 -15.51 17.15 8.07
N ILE A 265 -15.77 18.24 7.37
CA ILE A 265 -17.10 18.86 7.34
C ILE A 265 -18.19 17.91 6.82
N PHE A 266 -17.88 17.18 5.75
CA PHE A 266 -18.81 16.23 5.16
C PHE A 266 -19.30 15.18 6.17
N PHE A 267 -18.37 14.55 6.90
CA PHE A 267 -18.74 13.53 7.88
C PHE A 267 -19.47 14.09 9.09
N GLU A 268 -19.02 15.25 9.59
CA GLU A 268 -19.64 15.91 10.75
C GLU A 268 -21.10 16.30 10.50
N ASN A 269 -21.42 16.64 9.26
CA ASN A 269 -22.78 17.05 8.89
C ASN A 269 -23.64 15.93 8.30
N HIS A 270 -23.06 14.75 8.08
CA HIS A 270 -23.78 13.67 7.39
C HIS A 270 -24.86 13.00 8.25
N PRO A 271 -26.09 12.88 7.70
CA PRO A 271 -27.20 12.28 8.46
C PRO A 271 -26.96 10.82 8.87
N TYR A 272 -26.10 10.12 8.14
CA TYR A 272 -25.80 8.71 8.45
C TYR A 272 -24.37 8.49 8.89
N PHE A 273 -23.43 9.17 8.24
CA PHE A 273 -22.02 8.84 8.42
C PHE A 273 -21.34 9.52 9.62
N ARG A 274 -22.07 10.44 10.25
CA ARG A 274 -21.59 11.09 11.47
CA ARG A 274 -21.57 11.08 11.46
C ARG A 274 -21.33 10.05 12.56
N ASP A 275 -22.22 9.06 12.65
CA ASP A 275 -22.06 7.96 13.58
C ASP A 275 -20.73 7.22 13.38
N LEU A 276 -20.36 7.00 12.12
CA LEU A 276 -19.09 6.34 11.76
C LEU A 276 -17.90 7.17 12.18
N LEU A 277 -18.00 8.48 11.99
CA LEU A 277 -17.01 9.45 12.48
C LEU A 277 -16.81 9.39 14.00
N GLU A 278 -17.92 9.38 14.75
CA GLU A 278 -17.84 9.30 16.20
C GLU A 278 -17.37 7.92 16.69
N GLU A 279 -17.55 6.90 15.84
CA GLU A 279 -17.07 5.55 16.13
C GLU A 279 -15.61 5.33 15.71
N GLY A 280 -14.96 6.40 15.25
CA GLY A 280 -13.56 6.34 14.83
C GLY A 280 -13.32 5.59 13.53
N LYS A 281 -14.31 5.59 12.65
CA LYS A 281 -14.24 4.81 11.42
C LYS A 281 -14.20 5.64 10.15
N ALA A 282 -13.94 6.94 10.28
CA ALA A 282 -13.99 7.83 9.13
C ALA A 282 -12.81 8.78 9.07
N THR A 283 -12.54 9.27 7.86
CA THR A 283 -11.54 10.30 7.55
C THR A 283 -10.15 9.72 7.35
N VAL A 284 -9.40 10.34 6.46
CA VAL A 284 -8.03 9.95 6.15
C VAL A 284 -7.11 10.05 7.36
N PRO A 285 -7.20 11.15 8.14
CA PRO A 285 -6.35 11.21 9.35
C PRO A 285 -6.53 10.02 10.29
N SER A 286 -7.76 9.57 10.49
CA SER A 286 -8.00 8.40 11.34
C SER A 286 -7.55 7.10 10.66
N LEU A 287 -7.65 7.05 9.32
CA LEU A 287 -7.15 5.92 8.55
C LEU A 287 -5.64 5.81 8.66
N ALA A 288 -4.97 6.94 8.47
CA ALA A 288 -3.52 7.07 8.62
C ALA A 288 -3.02 6.46 9.94
N GLU A 289 -3.62 6.85 11.06
CA GLU A 289 -3.25 6.31 12.38
C GLU A 289 -3.50 4.81 12.49
N LYS A 290 -4.64 4.36 11.97
CA LYS A 290 -4.98 2.95 11.99
C LYS A 290 -3.98 2.12 11.18
N LEU A 291 -3.52 2.66 10.06
CA LEU A 291 -2.57 1.95 9.20
C LEU A 291 -1.16 1.87 9.81
N THR A 292 -0.75 2.91 10.52
CA THR A 292 0.51 2.85 11.25
C THR A 292 0.46 1.77 12.34
N SER A 293 -0.66 1.71 13.07
CA SER A 293 -0.82 0.70 14.12
C SER A 293 -0.75 -0.69 13.55
N GLU A 294 -1.50 -0.90 12.48
CA GLU A 294 -1.56 -2.19 11.80
C GLU A 294 -0.20 -2.61 11.27
N LEU A 295 0.54 -1.65 10.69
CA LEU A 295 1.87 -1.95 10.16
C LEU A 295 2.83 -2.34 11.28
N ILE A 296 2.87 -1.54 12.34
CA ILE A 296 3.74 -1.81 13.47
C ILE A 296 3.42 -3.18 14.09
N THR A 297 2.14 -3.46 14.33
CA THR A 297 1.72 -4.75 14.88
C THR A 297 2.17 -5.89 13.98
N HIS A 298 2.09 -5.68 12.67
CA HIS A 298 2.42 -6.72 11.71
C HIS A 298 3.92 -6.95 11.56
N ILE A 299 4.71 -5.87 11.52
CA ILE A 299 6.18 -6.01 11.56
C ILE A 299 6.62 -6.66 12.88
N SER A 300 6.00 -6.25 13.99
CA SER A 300 6.27 -6.83 15.31
C SER A 300 6.09 -8.33 15.32
N LYS A 301 5.11 -8.82 14.56
CA LYS A 301 4.80 -10.24 14.49
C LYS A 301 5.93 -11.00 13.81
N SER A 302 6.54 -10.40 12.79
CA SER A 302 7.64 -11.03 12.04
C SER A 302 9.02 -10.86 12.66
N LEU A 303 9.21 -9.79 13.45
CA LEU A 303 10.51 -9.48 14.05
C LEU A 303 11.22 -10.66 14.69
N PRO A 304 10.55 -11.39 15.60
CA PRO A 304 11.28 -12.45 16.26
C PRO A 304 11.65 -13.62 15.33
N LEU A 305 10.88 -13.80 14.25
CA LEU A 305 11.06 -14.98 13.35
C LEU A 305 12.09 -14.76 12.26
N LEU A 306 12.33 -13.51 11.90
CA LEU A 306 13.15 -13.18 10.74
C LEU A 306 14.49 -13.88 10.65
N GLU A 307 15.19 -13.98 11.77
CA GLU A 307 16.52 -14.53 11.81
C GLU A 307 16.55 -16.02 11.44
N ASN A 308 15.57 -16.77 11.93
CA ASN A 308 15.47 -18.18 11.63
C ASN A 308 14.95 -18.46 10.24
N GLN A 309 13.97 -17.67 9.80
CA GLN A 309 13.46 -17.76 8.43
C GLN A 309 14.57 -17.54 7.41
N ILE A 310 15.35 -16.48 7.61
CA ILE A 310 16.55 -16.24 6.80
C ILE A 310 17.48 -17.47 6.82
N LYS A 311 17.71 -18.03 8.01
CA LYS A 311 18.59 -19.20 8.17
C LYS A 311 18.04 -20.46 7.48
N GLU A 312 16.75 -20.72 7.68
CA GLU A 312 16.05 -21.84 7.02
C GLU A 312 16.18 -21.76 5.50
N THR A 313 15.89 -20.57 4.95
CA THR A 313 15.89 -20.34 3.51
C THR A 313 17.31 -20.34 2.94
N HIS A 314 18.26 -19.80 3.69
CA HIS A 314 19.67 -19.88 3.31
C HIS A 314 20.11 -21.35 3.32
N GLN A 315 19.43 -22.16 4.15
CA GLN A 315 19.74 -23.58 4.25
C GLN A 315 19.20 -24.35 3.05
N ARG A 316 17.95 -24.10 2.70
CA ARG A 316 17.32 -24.78 1.56
C ARG A 316 17.87 -24.33 0.21
N ILE A 317 18.41 -23.11 0.13
CA ILE A 317 19.07 -22.69 -1.11
C ILE A 317 20.48 -23.26 -1.22
N THR A 318 21.14 -23.50 -0.09
CA THR A 318 22.44 -24.17 -0.09
C THR A 318 22.28 -25.66 -0.45
N GLU A 319 21.17 -26.25 0.00
CA GLU A 319 20.78 -27.61 -0.40
C GLU A 319 20.64 -27.74 -1.90
N GLU A 320 19.87 -26.81 -2.50
CA GLU A 320 19.63 -26.80 -3.93
C GLU A 320 20.89 -26.43 -4.70
N LEU A 321 21.70 -25.55 -4.13
CA LEU A 321 23.03 -25.26 -4.67
C LEU A 321 23.83 -26.56 -4.80
N GLN A 322 23.85 -27.37 -3.75
CA GLN A 322 24.56 -28.66 -3.75
C GLN A 322 23.97 -29.67 -4.74
N LYS A 323 22.65 -29.79 -4.72
CA LYS A 323 21.89 -30.66 -5.63
C LYS A 323 22.20 -30.41 -7.10
N TYR A 324 22.04 -29.16 -7.53
CA TYR A 324 22.20 -28.81 -8.95
C TYR A 324 23.26 -27.75 -9.18
N GLY A 325 24.49 -28.23 -9.41
CA GLY A 325 25.64 -27.37 -9.61
C GLY A 325 26.86 -27.92 -8.91
N VAL A 326 26.70 -28.25 -7.63
CA VAL A 326 27.78 -28.79 -6.81
C VAL A 326 27.84 -30.30 -7.02
N LYS A 337 23.34 -21.60 -14.27
CA LYS A 337 22.36 -21.24 -13.25
C LYS A 337 23.02 -21.06 -11.90
N ARG A 338 24.27 -21.52 -11.80
CA ARG A 338 25.03 -21.46 -10.56
C ARG A 338 25.16 -20.03 -10.03
N LYS A 339 25.71 -19.14 -10.86
CA LYS A 339 26.01 -17.78 -10.46
C LYS A 339 24.78 -16.97 -10.06
N PHE A 340 23.62 -17.41 -10.53
CA PHE A 340 22.35 -16.83 -10.11
C PHE A 340 22.02 -17.22 -8.68
N LEU A 341 22.32 -18.45 -8.29
CA LEU A 341 22.06 -18.92 -6.94
C LEU A 341 23.08 -18.36 -5.94
N LYS A 342 24.30 -18.14 -6.42
CA LYS A 342 25.31 -17.44 -5.64
C LYS A 342 24.96 -15.96 -5.42
N GLU A 343 24.04 -15.45 -6.23
CA GLU A 343 23.57 -14.07 -6.08
C GLU A 343 22.35 -14.00 -5.15
N ARG A 344 21.55 -15.06 -5.13
CA ARG A 344 20.46 -15.18 -4.16
C ARG A 344 20.99 -15.30 -2.73
N LEU A 345 21.98 -16.17 -2.55
CA LEU A 345 22.62 -16.40 -1.23
C LEU A 345 23.34 -15.16 -0.70
N ALA A 346 24.01 -14.43 -1.60
CA ALA A 346 24.68 -13.19 -1.23
C ALA A 346 23.69 -12.12 -0.76
N ARG A 347 22.47 -12.18 -1.31
CA ARG A 347 21.38 -11.31 -0.86
C ARG A 347 20.84 -11.72 0.49
N LEU A 348 20.80 -13.03 0.73
CA LEU A 348 20.33 -13.57 2.00
C LEU A 348 21.35 -13.31 3.11
N THR A 349 22.63 -13.44 2.78
CA THR A 349 23.69 -13.05 3.70
C THR A 349 23.56 -11.56 4.08
N GLN A 350 23.28 -10.72 3.08
CA GLN A 350 23.11 -9.29 3.32
C GLN A 350 21.89 -8.99 4.20
N ALA A 351 20.86 -9.82 4.07
CA ALA A 351 19.65 -9.71 4.90
C ALA A 351 19.94 -10.06 6.37
N ARG A 352 20.76 -11.10 6.58
CA ARG A 352 21.14 -11.54 7.92
C ARG A 352 21.99 -10.47 8.62
N ARG A 353 22.90 -9.86 7.87
CA ARG A 353 23.76 -8.79 8.36
C ARG A 353 22.95 -7.55 8.75
N ARG A 354 22.05 -7.14 7.86
CA ARG A 354 21.23 -5.97 8.09
C ARG A 354 20.31 -6.17 9.30
N LEU A 355 19.75 -7.36 9.45
CA LEU A 355 19.01 -7.72 10.65
C LEU A 355 19.87 -7.69 11.91
N ALA A 356 21.13 -8.11 11.81
CA ALA A 356 22.03 -8.10 12.97
C ALA A 356 22.32 -6.68 13.48
N GLN A 357 22.12 -5.68 12.63
CA GLN A 357 22.31 -4.27 13.00
C GLN A 357 21.14 -3.69 13.81
N PHE A 358 19.96 -4.29 13.68
CA PHE A 358 18.74 -3.84 14.37
C PHE A 358 18.93 -3.65 15.88
N PRO A 359 18.43 -2.54 16.46
CA PRO A 359 17.62 -1.47 15.86
C PRO A 359 18.40 -0.30 15.26
N GLY A 360 19.73 -0.39 15.26
CA GLY A 360 20.58 0.69 14.74
C GLY A 360 21.05 0.48 13.31
PB GDP B . -8.21 4.11 -9.09
O1B GDP B . -8.77 3.06 -8.16
O2B GDP B . -6.84 4.60 -8.67
O3B GDP B . -8.36 3.79 -10.56
O3A GDP B . -9.27 5.29 -8.87
PA GDP B . -8.96 6.86 -8.67
O1A GDP B . -8.37 7.36 -9.97
O2A GDP B . -8.26 7.18 -7.38
O5' GDP B . -10.50 7.31 -8.52
C5' GDP B . -11.49 7.05 -9.53
C4' GDP B . -12.36 8.30 -9.65
O4' GDP B . -13.22 8.42 -8.51
C3' GDP B . -11.53 9.59 -9.71
O3' GDP B . -12.08 10.34 -10.80
C2' GDP B . -11.77 10.32 -8.41
O2' GDP B . -11.92 11.75 -8.57
C1' GDP B . -13.09 9.71 -7.93
N9 GDP B . -13.17 9.61 -6.45
C8 GDP B . -12.33 8.96 -5.62
N7 GDP B . -12.74 9.07 -4.32
C5 GDP B . -13.87 9.80 -4.33
C6 GDP B . -14.84 10.31 -3.31
O6 GDP B . -14.67 10.04 -2.09
N1 GDP B . -15.88 11.04 -3.73
C2 GDP B . -16.09 11.32 -5.04
N2 GDP B . -17.16 12.07 -5.37
N3 GDP B . -15.25 10.90 -6.02
C4 GDP B . -14.16 10.15 -5.73
S SO4 C . 14.98 16.56 -15.63
O1 SO4 C . 16.09 16.95 -16.54
O2 SO4 C . 14.65 15.14 -15.82
O3 SO4 C . 15.41 16.81 -14.22
O4 SO4 C . 13.76 17.35 -15.89
S SO4 D . 6.22 -18.18 -1.94
O1 SO4 D . 6.07 -19.36 -2.85
O2 SO4 D . 4.89 -17.66 -1.61
O3 SO4 D . 6.92 -18.59 -0.70
O4 SO4 D . 7.02 -17.14 -2.62
S SO4 E . 29.40 -11.24 9.58
O1 SO4 E . 30.66 -11.81 9.06
O2 SO4 E . 28.60 -12.32 10.21
O3 SO4 E . 29.70 -10.20 10.59
O4 SO4 E . 28.63 -10.65 8.47
#